data_1BJ9
#
_entry.id   1BJ9
#
_cell.length_a   105.197
_cell.length_b   74.364
_cell.length_c   45.402
_cell.angle_alpha   90.00
_cell.angle_beta   90.00
_cell.angle_gamma   90.00
#
_symmetry.space_group_name_H-M   'P 21 21 21'
#
loop_
_entity.id
_entity.type
_entity.pdbx_description
1 polymer 'CYTOCHROME C PEROXIDASE'
2 non-polymer [7,12-DEACETYL-3,8,13,17-TETRAMETHYL-21H,23H-PORPHINE-2,18-DIPROPANOATO(2-)-N21,N22,N23,N24]-IRON
3 water water
#
_entity_poly.entity_id   1
_entity_poly.type   'polypeptide(L)'
_entity_poly.pdbx_seq_one_letter_code
;LVHVASVEKGRSYEDFQKVYNAIALKLREDDEYDNYIGYGPVLVRLAWHISGTWDKHDNTGGSYGGTYRFKKEFNDPSNA
GLQNGFKFLEPIHKEFPWISSGDLFSLGGVTAVQEMQGPKIPWRCGRVDTPEDTTPDNGRLPDADKDAGYVRTFFQRLNM
NDREVVALMGAHALGKTHLKNSGYEGPWGAANNVFTNEFYLNLLNEDWKLEKNDANNEQWDSKSGYMMLPTDYSLIQDPK
YLSIVKEYANDQDKFFKDFSKAFEKLLEDGITFPKDAPSPFIFKTLEEQGL
;
_entity_poly.pdbx_strand_id   A
#
loop_
_chem_comp.id
_chem_comp.type
_chem_comp.name
_chem_comp.formula
DDH non-polymer [7,12-DEACETYL-3,8,13,17-TETRAMETHYL-21H,23H-PORPHINE-2,18-DIPROPANOATO(2-)-N21,N22,N23,N24]-IRON 'C34 H32 Fe N4 O6'
#
# COMPACT_ATOMS: atom_id res chain seq x y z
N LEU A 1 22.05 -11.62 4.28
CA LEU A 1 20.72 -11.78 4.85
C LEU A 1 19.82 -12.55 3.91
N VAL A 2 19.27 -13.66 4.37
CA VAL A 2 18.36 -14.41 3.54
C VAL A 2 17.15 -14.53 4.41
N HIS A 3 15.97 -14.44 3.83
CA HIS A 3 14.77 -14.56 4.61
C HIS A 3 14.03 -15.58 3.87
N VAL A 4 13.95 -16.75 4.47
CA VAL A 4 13.24 -17.79 3.81
C VAL A 4 11.87 -17.84 4.40
N ALA A 5 10.93 -17.95 3.49
CA ALA A 5 9.54 -18.02 3.85
C ALA A 5 9.25 -19.33 4.56
N SER A 6 8.61 -19.27 5.70
CA SER A 6 8.30 -20.50 6.37
C SER A 6 6.81 -20.57 6.70
N VAL A 7 6.02 -21.40 6.02
CA VAL A 7 4.59 -21.48 6.33
C VAL A 7 4.27 -21.73 7.77
N GLU A 8 3.29 -20.99 8.30
CA GLU A 8 2.85 -21.16 9.66
C GLU A 8 2.46 -22.64 9.78
N LYS A 9 3.07 -23.26 10.77
CA LYS A 9 2.88 -24.67 11.03
C LYS A 9 1.45 -25.20 10.95
N GLY A 10 1.27 -26.03 9.95
CA GLY A 10 0.01 -26.70 9.73
C GLY A 10 -1.16 -25.92 9.18
N ARG A 11 -0.91 -24.71 8.70
CA ARG A 11 -1.96 -23.89 8.14
C ARG A 11 -2.07 -24.07 6.64
N SER A 12 -3.28 -23.94 6.14
CA SER A 12 -3.50 -24.05 4.71
C SER A 12 -4.30 -22.82 4.23
N TYR A 13 -4.58 -22.81 2.95
CA TYR A 13 -5.33 -21.75 2.29
C TYR A 13 -6.57 -21.42 3.12
N GLU A 14 -7.36 -22.44 3.43
CA GLU A 14 -8.58 -22.28 4.21
C GLU A 14 -8.34 -21.51 5.48
N ASP A 15 -7.17 -21.75 6.04
CA ASP A 15 -6.86 -21.03 7.24
C ASP A 15 -6.69 -19.57 6.89
N PHE A 16 -6.04 -19.28 5.77
CA PHE A 16 -5.82 -17.90 5.37
C PHE A 16 -7.12 -17.19 4.98
N GLN A 17 -7.93 -17.90 4.23
CA GLN A 17 -9.20 -17.37 3.78
C GLN A 17 -10.05 -16.81 4.90
N LYS A 18 -9.92 -17.44 6.08
CA LYS A 18 -10.64 -17.05 7.29
C LYS A 18 -10.13 -15.76 7.83
N VAL A 19 -8.82 -15.58 7.79
CA VAL A 19 -8.30 -14.34 8.28
C VAL A 19 -8.78 -13.20 7.37
N TYR A 20 -8.74 -13.45 6.05
CA TYR A 20 -9.16 -12.51 5.03
C TYR A 20 -10.63 -12.13 5.32
N ASN A 21 -11.44 -13.13 5.49
CA ASN A 21 -12.87 -12.90 5.78
C ASN A 21 -13.11 -12.05 7.02
N ALA A 22 -12.30 -12.27 8.07
CA ALA A 22 -12.46 -11.48 9.27
C ALA A 22 -12.08 -10.04 9.05
N ILE A 23 -11.05 -9.84 8.27
CA ILE A 23 -10.64 -8.48 8.04
C ILE A 23 -11.71 -7.78 7.18
N ALA A 24 -12.15 -8.50 6.19
CA ALA A 24 -13.14 -8.00 5.29
C ALA A 24 -14.46 -7.65 5.96
N LEU A 25 -14.87 -8.53 6.87
CA LEU A 25 -16.13 -8.28 7.57
C LEU A 25 -15.97 -7.10 8.48
N LYS A 26 -14.78 -6.91 9.02
CA LYS A 26 -14.60 -5.80 9.89
C LYS A 26 -14.60 -4.48 9.08
N LEU A 27 -14.06 -4.55 7.87
CA LEU A 27 -14.05 -3.36 7.03
C LEU A 27 -15.46 -2.90 6.72
N ARG A 28 -16.29 -3.88 6.48
CA ARG A 28 -17.67 -3.65 6.17
C ARG A 28 -18.42 -2.97 7.28
N GLU A 29 -18.12 -3.47 8.47
CA GLU A 29 -18.70 -3.02 9.70
C GLU A 29 -18.26 -1.66 10.22
N ASP A 30 -16.95 -1.36 10.18
CA ASP A 30 -16.43 -0.09 10.69
C ASP A 30 -16.37 0.96 9.61
N ASP A 31 -17.50 1.25 9.00
CA ASP A 31 -17.53 2.21 7.92
C ASP A 31 -17.46 3.69 8.26
N GLU A 32 -17.58 4.06 9.52
CA GLU A 32 -17.57 5.47 9.85
C GLU A 32 -16.27 6.23 9.79
N TYR A 33 -15.22 5.43 9.93
CA TYR A 33 -13.87 5.87 9.91
C TYR A 33 -13.56 6.90 8.81
N ASP A 34 -12.84 7.91 9.28
CA ASP A 34 -12.39 9.02 8.48
C ASP A 34 -13.54 9.62 7.70
N ASN A 35 -14.56 10.11 8.38
CA ASN A 35 -15.68 10.67 7.67
C ASN A 35 -16.26 9.72 6.64
N TYR A 36 -16.47 8.46 7.02
CA TYR A 36 -17.03 7.51 6.10
C TYR A 36 -16.19 6.99 4.93
N ILE A 37 -14.88 7.14 5.03
CA ILE A 37 -14.10 6.61 3.94
C ILE A 37 -13.94 5.13 4.24
N GLY A 38 -13.81 4.81 5.51
CA GLY A 38 -13.62 3.41 5.88
C GLY A 38 -12.12 3.15 6.07
N TYR A 39 -11.73 1.98 6.57
CA TYR A 39 -10.33 1.69 6.78
C TYR A 39 -9.54 1.13 5.61
N GLY A 40 -10.24 0.88 4.53
CA GLY A 40 -9.63 0.33 3.33
C GLY A 40 -8.32 1.03 2.98
N PRO A 41 -8.40 2.32 2.75
CA PRO A 41 -7.21 3.06 2.40
C PRO A 41 -6.05 2.99 3.37
N VAL A 42 -6.34 3.19 4.62
CA VAL A 42 -5.25 3.15 5.55
C VAL A 42 -4.52 1.81 5.62
N LEU A 43 -5.26 0.74 5.37
CA LEU A 43 -4.69 -0.59 5.39
C LEU A 43 -3.81 -0.76 4.17
N VAL A 44 -4.24 -0.22 3.04
CA VAL A 44 -3.37 -0.37 1.88
C VAL A 44 -2.05 0.35 2.17
N ARG A 45 -2.15 1.55 2.72
CA ARG A 45 -0.94 2.30 3.03
C ARG A 45 -0.06 1.60 4.05
N LEU A 46 -0.68 0.95 5.02
CA LEU A 46 0.14 0.27 6.00
C LEU A 46 0.94 -0.85 5.32
N ALA A 47 0.31 -1.61 4.42
CA ALA A 47 1.03 -2.68 3.75
C ALA A 47 2.16 -2.14 2.89
N TRP A 48 1.93 -0.98 2.31
CA TRP A 48 2.94 -0.40 1.49
C TRP A 48 4.10 0.10 2.34
N HIS A 49 3.75 0.69 3.48
CA HIS A 49 4.77 1.20 4.38
C HIS A 49 5.65 0.15 5.08
N ILE A 50 5.10 -0.99 5.42
CA ILE A 50 5.96 -1.95 6.09
C ILE A 50 6.83 -2.60 5.04
N SER A 51 6.42 -2.47 3.80
CA SER A 51 7.20 -3.06 2.74
C SER A 51 8.21 -2.13 2.07
N GLY A 52 8.00 -0.82 2.16
CA GLY A 52 8.87 0.14 1.52
C GLY A 52 10.16 0.47 2.23
N THR A 53 10.44 -0.25 3.29
CA THR A 53 11.66 0.05 3.99
C THR A 53 12.75 -0.82 3.43
N TRP A 54 12.37 -1.66 2.48
CA TRP A 54 13.34 -2.57 1.94
C TRP A 54 14.52 -1.93 1.19
N ASP A 55 15.66 -2.58 1.29
CA ASP A 55 16.84 -2.12 0.61
C ASP A 55 17.45 -3.29 -0.13
N LYS A 56 17.25 -3.35 -1.45
CA LYS A 56 17.77 -4.39 -2.30
C LYS A 56 19.28 -4.49 -2.22
N HIS A 57 19.93 -3.49 -1.67
CA HIS A 57 21.36 -3.68 -1.63
C HIS A 57 21.80 -4.64 -0.55
N ASP A 58 21.22 -4.54 0.64
CA ASP A 58 21.65 -5.44 1.71
C ASP A 58 20.53 -6.31 2.22
N ASN A 59 19.37 -6.22 1.60
CA ASN A 59 18.24 -7.03 2.02
C ASN A 59 17.65 -6.74 3.39
N THR A 60 17.86 -5.55 3.92
CA THR A 60 17.31 -5.22 5.21
C THR A 60 15.95 -4.57 4.97
N GLY A 61 15.07 -4.64 5.95
CA GLY A 61 13.75 -4.05 5.78
C GLY A 61 12.86 -4.94 4.94
N GLY A 62 11.72 -4.40 4.49
CA GLY A 62 10.80 -5.18 3.69
C GLY A 62 9.76 -5.76 4.66
N SER A 63 8.77 -6.46 4.14
CA SER A 63 7.72 -7.04 4.97
C SER A 63 7.98 -8.24 5.82
N TYR A 64 8.99 -9.01 5.46
CA TYR A 64 9.24 -10.23 6.19
C TYR A 64 9.12 -10.31 7.69
N GLY A 65 9.89 -9.47 8.34
CA GLY A 65 9.97 -9.44 9.78
C GLY A 65 8.90 -8.84 10.64
N GLY A 66 7.90 -8.19 10.08
CA GLY A 66 6.86 -7.59 10.91
C GLY A 66 7.38 -6.55 11.89
N THR A 67 8.53 -5.98 11.56
CA THR A 67 9.14 -4.98 12.40
C THR A 67 8.30 -3.77 12.75
N TYR A 68 7.24 -3.48 12.00
CA TYR A 68 6.41 -2.31 12.32
C TYR A 68 5.93 -2.34 13.77
N ARG A 69 5.83 -3.55 14.30
CA ARG A 69 5.39 -3.75 15.66
C ARG A 69 6.30 -3.16 16.71
N PHE A 70 7.53 -2.84 16.33
CA PHE A 70 8.48 -2.26 17.27
C PHE A 70 8.40 -0.72 17.28
N LYS A 71 8.62 -0.13 18.46
CA LYS A 71 8.57 1.32 18.64
C LYS A 71 9.33 2.13 17.59
N LYS A 72 10.62 1.82 17.36
CA LYS A 72 11.43 2.53 16.37
C LYS A 72 10.66 2.73 15.07
N GLU A 73 10.18 1.63 14.50
CA GLU A 73 9.43 1.68 13.25
C GLU A 73 8.03 2.27 13.43
N PHE A 74 7.38 1.83 14.48
CA PHE A 74 6.04 2.30 14.73
C PHE A 74 5.95 3.83 14.88
N ASN A 75 6.98 4.38 15.50
CA ASN A 75 7.05 5.80 15.72
C ASN A 75 7.66 6.62 14.59
N ASP A 76 8.02 5.99 13.47
CA ASP A 76 8.56 6.74 12.37
C ASP A 76 7.51 7.78 11.90
N PRO A 77 8.02 8.98 11.78
CA PRO A 77 7.31 10.16 11.35
C PRO A 77 6.66 9.89 10.00
N SER A 78 7.34 9.20 9.10
CA SER A 78 6.68 8.91 7.82
C SER A 78 5.50 7.96 8.05
N ASN A 79 5.43 7.35 9.23
CA ASN A 79 4.37 6.41 9.56
C ASN A 79 3.19 7.02 10.29
N ALA A 80 3.22 8.33 10.51
CA ALA A 80 2.13 9.02 11.20
C ALA A 80 0.76 8.61 10.70
N GLY A 81 -0.17 8.29 11.57
CA GLY A 81 -1.47 7.89 11.08
C GLY A 81 -1.66 6.38 10.86
N LEU A 82 -0.59 5.61 10.65
CA LEU A 82 -0.67 4.16 10.42
C LEU A 82 -1.19 3.35 11.63
N GLN A 83 -1.05 3.99 12.78
CA GLN A 83 -1.47 3.43 14.06
C GLN A 83 -2.95 3.11 14.03
N ASN A 84 -3.70 3.86 13.24
CA ASN A 84 -5.11 3.52 13.18
C ASN A 84 -5.26 2.22 12.45
N GLY A 85 -4.39 1.92 11.50
CA GLY A 85 -4.57 0.67 10.77
C GLY A 85 -4.16 -0.51 11.67
N PHE A 86 -3.20 -0.21 12.49
CA PHE A 86 -2.74 -1.22 13.36
C PHE A 86 -3.80 -1.60 14.35
N LYS A 87 -4.35 -0.57 14.98
CA LYS A 87 -5.40 -0.76 15.97
C LYS A 87 -6.53 -1.53 15.32
N PHE A 88 -6.81 -1.27 14.04
CA PHE A 88 -7.88 -2.01 13.40
C PHE A 88 -7.61 -3.52 13.35
N LEU A 89 -6.36 -3.88 13.06
CA LEU A 89 -5.99 -5.27 12.93
C LEU A 89 -5.77 -6.04 14.21
N GLU A 90 -5.54 -5.31 15.26
CA GLU A 90 -5.26 -5.85 16.58
C GLU A 90 -6.16 -7.00 17.06
N PRO A 91 -7.45 -6.76 17.02
CA PRO A 91 -8.39 -7.77 17.41
C PRO A 91 -8.35 -8.94 16.48
N ILE A 92 -8.02 -8.67 15.22
CA ILE A 92 -7.95 -9.75 14.27
C ILE A 92 -6.82 -10.70 14.62
N HIS A 93 -5.74 -10.10 15.02
CA HIS A 93 -4.59 -10.89 15.38
C HIS A 93 -4.93 -11.76 16.58
N LYS A 94 -5.65 -11.15 17.51
CA LYS A 94 -6.06 -11.82 18.71
C LYS A 94 -6.86 -13.04 18.37
N GLU A 95 -7.73 -12.91 17.39
CA GLU A 95 -8.56 -14.01 16.93
C GLU A 95 -7.69 -15.03 16.21
N PHE A 96 -6.61 -14.60 15.58
CA PHE A 96 -5.78 -15.56 14.86
C PHE A 96 -4.32 -15.36 15.18
N PRO A 97 -4.03 -15.70 16.40
CA PRO A 97 -2.72 -15.57 16.95
C PRO A 97 -1.58 -16.37 16.30
N TRP A 98 -1.88 -17.37 15.50
CA TRP A 98 -0.83 -18.12 14.87
C TRP A 98 -0.28 -17.44 13.61
N ILE A 99 -0.96 -16.38 13.14
CA ILE A 99 -0.51 -15.67 11.94
C ILE A 99 0.68 -14.81 12.22
N SER A 100 1.71 -14.75 11.37
CA SER A 100 2.80 -13.86 11.75
C SER A 100 2.41 -12.39 11.49
N SER A 101 3.09 -11.45 12.10
CA SER A 101 2.75 -10.06 11.83
C SER A 101 2.92 -9.59 10.38
N GLY A 102 4.05 -9.95 9.77
CA GLY A 102 4.27 -9.53 8.40
C GLY A 102 3.20 -10.13 7.54
N ASP A 103 2.79 -11.33 7.89
CA ASP A 103 1.74 -11.90 7.07
C ASP A 103 0.43 -11.15 7.28
N LEU A 104 0.08 -10.81 8.51
CA LEU A 104 -1.16 -10.08 8.77
C LEU A 104 -1.19 -8.67 8.12
N PHE A 105 -0.14 -7.91 8.35
CA PHE A 105 -0.07 -6.57 7.78
C PHE A 105 -0.17 -6.59 6.28
N SER A 106 0.47 -7.57 5.66
CA SER A 106 0.41 -7.60 4.22
C SER A 106 -0.92 -8.08 3.68
N LEU A 107 -1.50 -9.01 4.41
CA LEU A 107 -2.76 -9.52 3.98
C LEU A 107 -3.87 -8.47 4.10
N GLY A 108 -3.74 -7.57 5.04
CA GLY A 108 -4.76 -6.53 5.20
C GLY A 108 -4.81 -5.64 3.95
N GLY A 109 -3.63 -5.35 3.37
CA GLY A 109 -3.52 -4.54 2.16
C GLY A 109 -4.26 -5.24 1.02
N VAL A 110 -3.97 -6.54 0.84
CA VAL A 110 -4.63 -7.32 -0.20
C VAL A 110 -6.15 -7.37 -0.03
N THR A 111 -6.57 -7.61 1.20
CA THR A 111 -8.01 -7.69 1.50
C THR A 111 -8.65 -6.35 1.14
N ALA A 112 -8.01 -5.28 1.56
CA ALA A 112 -8.53 -3.93 1.30
C ALA A 112 -8.72 -3.69 -0.17
N VAL A 113 -7.68 -3.89 -0.94
CA VAL A 113 -7.82 -3.68 -2.35
C VAL A 113 -8.93 -4.48 -3.00
N GLN A 114 -8.97 -5.76 -2.68
CA GLN A 114 -9.99 -6.58 -3.27
C GLN A 114 -11.41 -6.26 -2.77
N GLU A 115 -11.56 -5.90 -1.52
CA GLU A 115 -12.91 -5.61 -1.07
C GLU A 115 -13.38 -4.27 -1.61
N MET A 116 -12.44 -3.45 -2.11
CA MET A 116 -12.74 -2.12 -2.65
C MET A 116 -12.87 -2.17 -4.15
N GLN A 117 -13.15 -3.38 -4.59
CA GLN A 117 -13.33 -3.65 -5.97
C GLN A 117 -12.08 -3.62 -6.81
N GLY A 118 -10.91 -3.64 -6.20
CA GLY A 118 -9.72 -3.62 -7.06
C GLY A 118 -9.48 -4.99 -7.71
N PRO A 119 -8.29 -5.21 -8.28
CA PRO A 119 -8.10 -6.49 -8.88
C PRO A 119 -7.73 -7.55 -7.84
N LYS A 120 -7.70 -8.81 -8.25
CA LYS A 120 -7.29 -9.85 -7.30
C LYS A 120 -5.78 -9.77 -7.23
N ILE A 121 -5.21 -9.88 -6.03
CA ILE A 121 -3.78 -9.85 -5.83
C ILE A 121 -3.32 -11.17 -5.18
N PRO A 122 -2.60 -11.99 -5.91
CA PRO A 122 -2.12 -13.26 -5.37
C PRO A 122 -1.24 -12.92 -4.20
N TRP A 123 -1.35 -13.72 -3.13
CA TRP A 123 -0.59 -13.48 -1.93
C TRP A 123 0.06 -14.75 -1.40
N ARG A 124 1.23 -14.60 -0.78
CA ARG A 124 1.99 -15.71 -0.19
C ARG A 124 2.21 -15.55 1.32
N CYS A 125 2.05 -16.65 2.09
CA CYS A 125 2.24 -16.64 3.54
C CYS A 125 3.67 -17.09 3.83
N GLY A 126 4.19 -17.00 5.05
CA GLY A 126 5.56 -17.47 5.21
C GLY A 126 6.48 -16.47 5.83
N ARG A 127 5.98 -15.27 6.06
CA ARG A 127 6.78 -14.22 6.67
C ARG A 127 7.02 -14.58 8.12
N VAL A 128 8.22 -14.32 8.64
CA VAL A 128 8.50 -14.66 10.03
C VAL A 128 8.82 -13.50 10.93
N ASP A 129 8.20 -13.45 12.10
CA ASP A 129 8.52 -12.35 12.97
C ASP A 129 9.99 -12.34 13.35
N THR A 130 10.67 -11.19 13.28
CA THR A 130 12.07 -11.11 13.63
C THR A 130 12.20 -10.19 14.79
N PRO A 131 13.34 -10.30 15.44
CA PRO A 131 13.67 -9.53 16.60
C PRO A 131 13.74 -8.03 16.40
N GLU A 132 13.56 -7.36 17.52
CA GLU A 132 13.56 -5.92 17.59
C GLU A 132 14.77 -5.28 16.95
N ASP A 133 15.84 -6.04 17.03
CA ASP A 133 17.12 -5.66 16.51
C ASP A 133 17.10 -5.48 14.99
N THR A 134 16.23 -6.20 14.30
CA THR A 134 16.16 -6.10 12.84
C THR A 134 15.34 -4.96 12.27
N THR A 135 14.81 -4.15 13.16
CA THR A 135 13.99 -3.02 12.78
C THR A 135 14.85 -2.00 12.04
N PRO A 136 14.49 -1.68 10.81
CA PRO A 136 15.26 -0.73 10.04
C PRO A 136 15.19 0.66 10.68
N ASP A 137 16.15 1.54 10.39
CA ASP A 137 16.09 2.85 10.97
C ASP A 137 15.10 3.69 10.22
N ASN A 138 14.59 4.76 10.83
CA ASN A 138 13.63 5.63 10.18
C ASN A 138 14.31 6.34 9.03
N GLY A 139 13.54 6.85 8.08
CA GLY A 139 14.21 7.54 6.99
C GLY A 139 14.23 6.80 5.67
N ARG A 140 13.71 5.57 5.59
CA ARG A 140 13.71 4.83 4.36
C ARG A 140 12.52 5.09 3.43
N LEU A 141 11.49 5.74 3.95
CA LEU A 141 10.30 6.03 3.16
C LEU A 141 10.45 7.35 2.39
N PRO A 142 9.81 7.47 1.25
CA PRO A 142 9.97 8.69 0.45
C PRO A 142 9.32 10.00 0.86
N ASP A 143 9.98 11.08 0.47
CA ASP A 143 9.51 12.44 0.70
C ASP A 143 8.52 12.77 -0.40
N ALA A 144 7.61 13.69 -0.12
CA ALA A 144 6.61 14.07 -1.10
C ALA A 144 6.84 15.37 -1.86
N ASP A 145 7.77 16.17 -1.40
CA ASP A 145 8.00 17.43 -2.07
C ASP A 145 9.07 17.36 -3.13
N LYS A 146 9.17 16.25 -3.82
CA LYS A 146 10.21 16.15 -4.81
C LYS A 146 9.71 15.96 -6.20
N ASP A 147 10.67 15.64 -7.05
CA ASP A 147 10.35 15.41 -8.44
C ASP A 147 10.57 14.03 -9.00
N ALA A 148 10.25 13.90 -10.29
CA ALA A 148 10.39 12.65 -10.98
C ALA A 148 11.77 12.02 -10.83
N GLY A 149 12.84 12.79 -10.85
CA GLY A 149 14.13 12.16 -10.72
C GLY A 149 14.29 11.49 -9.36
N TYR A 150 13.80 12.17 -8.36
CA TYR A 150 13.88 11.64 -7.03
C TYR A 150 13.12 10.32 -6.96
N VAL A 151 11.90 10.38 -7.47
CA VAL A 151 11.03 9.22 -7.48
C VAL A 151 11.63 8.01 -8.16
N ARG A 152 12.25 8.25 -9.32
CA ARG A 152 12.85 7.20 -10.11
C ARG A 152 13.95 6.50 -9.33
N THR A 153 14.78 7.35 -8.78
CA THR A 153 15.91 6.96 -8.00
C THR A 153 15.50 6.18 -6.76
N PHE A 154 14.51 6.73 -6.08
CA PHE A 154 14.01 6.10 -4.89
C PHE A 154 13.53 4.67 -5.15
N PHE A 155 12.63 4.54 -6.12
CA PHE A 155 12.06 3.27 -6.48
C PHE A 155 13.00 2.19 -6.94
N GLN A 156 14.15 2.63 -7.37
CA GLN A 156 15.13 1.70 -7.81
C GLN A 156 15.68 0.89 -6.65
N ARG A 157 15.67 1.45 -5.44
CA ARG A 157 16.17 0.77 -4.25
C ARG A 157 15.32 -0.44 -3.92
N LEU A 158 14.10 -0.41 -4.45
CA LEU A 158 13.10 -1.43 -4.29
C LEU A 158 12.99 -2.19 -5.56
N ASN A 159 13.90 -2.00 -6.50
CA ASN A 159 13.77 -2.75 -7.74
C ASN A 159 12.59 -2.51 -8.61
N MET A 160 11.99 -1.36 -8.55
CA MET A 160 10.86 -1.14 -9.40
C MET A 160 11.27 -0.20 -10.53
N ASN A 161 10.77 -0.49 -11.72
CA ASN A 161 11.01 0.29 -12.93
C ASN A 161 9.88 1.31 -13.12
N ASP A 162 9.97 1.99 -14.24
CA ASP A 162 9.01 3.02 -14.56
C ASP A 162 7.57 2.62 -14.52
N ARG A 163 7.32 1.54 -15.19
CA ARG A 163 5.98 1.02 -15.25
C ARG A 163 5.46 0.65 -13.88
N GLU A 164 6.29 0.00 -13.07
CA GLU A 164 5.91 -0.40 -11.73
C GLU A 164 5.60 0.79 -10.85
N VAL A 165 6.47 1.78 -10.96
CA VAL A 165 6.29 2.98 -10.20
C VAL A 165 4.94 3.66 -10.55
N VAL A 166 4.64 3.80 -11.84
CA VAL A 166 3.39 4.43 -12.21
C VAL A 166 2.17 3.62 -11.78
N ALA A 167 2.26 2.31 -11.93
CA ALA A 167 1.16 1.47 -11.54
C ALA A 167 0.90 1.65 -10.06
N LEU A 168 1.98 1.46 -9.32
CA LEU A 168 1.90 1.57 -7.89
C LEU A 168 1.32 2.87 -7.40
N MET A 169 1.68 3.98 -8.03
CA MET A 169 1.15 5.26 -7.58
C MET A 169 -0.35 5.41 -7.73
N GLY A 170 -0.95 4.62 -8.61
CA GLY A 170 -2.40 4.70 -8.82
C GLY A 170 -3.16 4.37 -7.53
N ALA A 171 -2.44 4.00 -6.47
CA ALA A 171 -3.05 3.68 -5.18
C ALA A 171 -3.54 4.97 -4.52
N HIS A 172 -3.04 6.10 -5.05
CA HIS A 172 -3.40 7.45 -4.61
C HIS A 172 -4.86 7.76 -4.95
N ALA A 173 -5.53 6.87 -5.69
CA ALA A 173 -6.94 7.11 -5.96
C ALA A 173 -7.65 6.97 -4.62
N LEU A 174 -7.06 6.20 -3.68
CA LEU A 174 -7.62 5.92 -2.35
C LEU A 174 -7.36 6.83 -1.16
N GLY A 175 -8.34 7.01 -0.26
CA GLY A 175 -8.06 7.83 0.88
C GLY A 175 -7.83 9.31 0.58
N LYS A 176 -6.98 9.88 1.41
CA LYS A 176 -6.64 11.27 1.31
C LYS A 176 -5.47 11.60 2.21
N THR A 177 -4.99 12.84 2.10
CA THR A 177 -3.92 13.30 2.94
C THR A 177 -4.62 14.01 4.06
N HIS A 178 -3.95 14.02 5.20
CA HIS A 178 -4.44 14.64 6.40
C HIS A 178 -3.36 15.52 6.94
N LEU A 179 -3.73 16.77 7.05
CA LEU A 179 -2.81 17.77 7.54
C LEU A 179 -1.98 17.41 8.72
N LYS A 180 -2.66 16.92 9.76
CA LYS A 180 -2.04 16.56 11.01
C LYS A 180 -1.04 15.43 10.85
N ASN A 181 -1.31 14.58 9.88
CA ASN A 181 -0.40 13.48 9.68
C ASN A 181 0.80 13.83 8.82
N SER A 182 0.57 14.34 7.63
CA SER A 182 1.70 14.61 6.76
C SER A 182 1.99 16.04 6.37
N GLY A 183 1.18 16.98 6.77
CA GLY A 183 1.53 18.30 6.29
C GLY A 183 0.89 18.58 4.93
N TYR A 184 -0.10 17.75 4.49
CA TYR A 184 -0.86 17.84 3.23
C TYR A 184 -2.29 17.61 3.54
N GLU A 185 -3.16 18.26 2.81
CA GLU A 185 -4.56 18.07 3.10
C GLU A 185 -5.42 18.01 1.87
N GLY A 186 -6.28 16.98 1.83
CA GLY A 186 -7.23 16.76 0.75
C GLY A 186 -7.16 15.43 0.03
N PRO A 187 -8.23 15.05 -0.63
CA PRO A 187 -8.23 13.79 -1.34
C PRO A 187 -7.73 13.99 -2.76
N TRP A 188 -7.42 12.88 -3.44
CA TRP A 188 -6.95 12.89 -4.82
C TRP A 188 -8.08 12.78 -5.82
N GLY A 189 -9.27 12.46 -5.35
CA GLY A 189 -10.38 12.34 -6.26
C GLY A 189 -11.67 12.15 -5.49
N ALA A 190 -12.69 11.79 -6.24
CA ALA A 190 -13.99 11.60 -5.66
C ALA A 190 -14.38 10.22 -5.12
N ALA A 191 -14.09 9.11 -5.80
CA ALA A 191 -14.46 7.76 -5.33
C ALA A 191 -13.30 7.28 -4.54
N ASN A 192 -13.19 7.82 -3.36
CA ASN A 192 -12.06 7.44 -2.59
C ASN A 192 -12.01 6.15 -1.84
N ASN A 193 -13.00 5.30 -2.04
CA ASN A 193 -12.93 4.04 -1.35
C ASN A 193 -13.34 2.95 -2.24
N VAL A 194 -13.12 3.26 -3.49
CA VAL A 194 -13.38 2.31 -4.51
C VAL A 194 -12.14 2.33 -5.40
N PHE A 195 -11.63 1.16 -5.72
CA PHE A 195 -10.42 1.09 -6.54
C PHE A 195 -10.66 1.27 -8.04
N THR A 196 -10.19 2.38 -8.63
CA THR A 196 -10.37 2.63 -10.07
C THR A 196 -9.15 3.37 -10.60
N ASN A 197 -9.10 3.72 -11.90
CA ASN A 197 -7.97 4.47 -12.48
C ASN A 197 -8.19 5.96 -12.35
N GLU A 198 -9.10 6.33 -11.44
CA GLU A 198 -9.42 7.73 -11.22
C GLU A 198 -8.21 8.61 -11.11
N PHE A 199 -7.18 8.14 -10.41
CA PHE A 199 -5.97 8.92 -10.24
C PHE A 199 -5.38 9.47 -11.53
N TYR A 200 -5.26 8.63 -12.52
CA TYR A 200 -4.69 9.08 -13.77
C TYR A 200 -5.60 10.10 -14.46
N LEU A 201 -6.89 9.82 -14.43
CA LEU A 201 -7.86 10.69 -15.04
C LEU A 201 -7.73 12.06 -14.48
N ASN A 202 -7.70 12.13 -13.17
CA ASN A 202 -7.59 13.42 -12.53
C ASN A 202 -6.32 14.18 -12.88
N LEU A 203 -5.23 13.46 -12.83
CA LEU A 203 -3.99 14.09 -13.12
C LEU A 203 -4.02 14.62 -14.56
N LEU A 204 -4.66 13.92 -15.47
CA LEU A 204 -4.66 14.46 -16.79
C LEU A 204 -5.75 15.47 -17.10
N ASN A 205 -6.88 15.34 -16.40
CA ASN A 205 -8.00 16.19 -16.67
C ASN A 205 -8.30 17.42 -15.88
N GLU A 206 -7.75 17.58 -14.69
CA GLU A 206 -8.05 18.75 -13.92
C GLU A 206 -7.11 19.91 -14.25
N ASP A 207 -7.54 21.08 -13.83
CA ASP A 207 -6.81 22.31 -14.00
C ASP A 207 -6.28 22.56 -12.59
N TRP A 208 -5.03 22.15 -12.44
CA TRP A 208 -4.24 22.19 -11.23
C TRP A 208 -3.51 23.49 -11.00
N LYS A 209 -3.60 23.93 -9.76
CA LYS A 209 -2.96 25.14 -9.34
C LYS A 209 -2.03 24.90 -8.19
N LEU A 210 -0.80 25.35 -8.35
CA LEU A 210 0.13 25.17 -7.26
C LEU A 210 -0.12 26.22 -6.21
N GLU A 211 -0.22 25.74 -4.99
CA GLU A 211 -0.44 26.61 -3.88
C GLU A 211 0.22 26.00 -2.67
N LYS A 212 0.30 26.81 -1.63
CA LYS A 212 0.89 26.42 -0.38
C LYS A 212 -0.27 26.10 0.55
N ASN A 213 -0.04 25.15 1.42
CA ASN A 213 -1.08 24.80 2.35
C ASN A 213 -0.79 25.38 3.71
N ASP A 214 -1.72 25.11 4.61
CA ASP A 214 -1.68 25.55 5.98
C ASP A 214 -0.47 25.08 6.74
N ALA A 215 0.21 24.04 6.23
CA ALA A 215 1.41 23.55 6.87
C ALA A 215 2.59 24.19 6.15
N ASN A 216 2.31 25.07 5.18
CA ASN A 216 3.39 25.75 4.45
C ASN A 216 4.16 24.89 3.47
N ASN A 217 3.47 23.91 2.90
CA ASN A 217 4.01 23.01 1.94
C ASN A 217 3.26 23.21 0.66
N GLU A 218 3.92 23.00 -0.46
CA GLU A 218 3.19 23.16 -1.71
C GLU A 218 2.45 21.92 -2.12
N GLN A 219 1.33 22.15 -2.77
CA GLN A 219 0.51 21.11 -3.31
C GLN A 219 -0.26 21.71 -4.48
N TRP A 220 -0.64 20.85 -5.41
CA TRP A 220 -1.39 21.17 -6.61
C TRP A 220 -2.82 20.92 -6.25
N ASP A 221 -3.61 21.96 -6.39
CA ASP A 221 -5.02 21.95 -6.07
C ASP A 221 -5.87 22.16 -7.28
N SER A 222 -6.99 21.44 -7.29
CA SER A 222 -7.93 21.54 -8.38
C SER A 222 -9.21 22.21 -7.93
N LYS A 223 -9.93 22.76 -8.93
CA LYS A 223 -11.20 23.45 -8.72
C LYS A 223 -12.19 22.49 -8.11
N SER A 224 -12.10 21.26 -8.61
CA SER A 224 -12.96 20.20 -8.15
C SER A 224 -12.82 19.94 -6.67
N GLY A 225 -11.77 20.47 -6.08
CA GLY A 225 -11.55 20.27 -4.66
C GLY A 225 -10.55 19.12 -4.41
N TYR A 226 -9.80 18.70 -5.42
CA TYR A 226 -8.82 17.62 -5.30
C TYR A 226 -7.41 18.18 -5.15
N MET A 227 -6.44 17.32 -4.81
CA MET A 227 -5.05 17.75 -4.65
C MET A 227 -4.12 16.70 -5.22
N MET A 228 -2.86 17.08 -5.44
CA MET A 228 -1.85 16.18 -5.95
C MET A 228 -0.58 16.56 -5.25
N LEU A 229 0.23 15.61 -4.81
CA LEU A 229 1.47 16.00 -4.17
C LEU A 229 2.44 16.31 -5.31
N PRO A 230 3.54 17.02 -5.00
CA PRO A 230 4.57 17.31 -5.99
C PRO A 230 5.01 16.01 -6.66
N THR A 231 5.23 14.96 -5.86
CA THR A 231 5.63 13.67 -6.44
C THR A 231 4.55 13.09 -7.32
N ASP A 232 3.28 13.35 -6.98
CA ASP A 232 2.25 12.79 -7.84
C ASP A 232 2.28 13.56 -9.15
N TYR A 233 2.36 14.86 -9.00
CA TYR A 233 2.40 15.73 -10.16
C TYR A 233 3.56 15.44 -11.13
N SER A 234 4.72 15.14 -10.58
CA SER A 234 5.90 14.82 -11.38
C SER A 234 5.63 13.73 -12.41
N LEU A 235 4.59 12.90 -12.18
CA LEU A 235 4.29 11.86 -13.16
C LEU A 235 3.84 12.43 -14.51
N ILE A 236 3.48 13.71 -14.54
CA ILE A 236 3.06 14.24 -15.82
C ILE A 236 4.09 15.15 -16.36
N GLN A 237 5.10 15.37 -15.54
CA GLN A 237 6.19 16.21 -15.89
C GLN A 237 7.24 15.39 -16.65
N ASP A 238 7.40 14.11 -16.29
CA ASP A 238 8.35 13.25 -16.96
C ASP A 238 7.70 12.53 -18.11
N PRO A 239 8.39 12.63 -19.22
CA PRO A 239 8.06 12.08 -20.51
C PRO A 239 7.77 10.61 -20.49
N LYS A 240 8.63 9.91 -19.81
CA LYS A 240 8.43 8.50 -19.73
C LYS A 240 7.24 8.21 -18.82
N TYR A 241 7.17 8.89 -17.70
CA TYR A 241 6.06 8.62 -16.80
C TYR A 241 4.71 8.93 -17.45
N LEU A 242 4.67 10.11 -18.07
CA LEU A 242 3.46 10.58 -18.73
C LEU A 242 2.79 9.68 -19.70
N SER A 243 3.56 8.98 -20.49
CA SER A 243 2.84 8.14 -21.40
C SER A 243 2.26 6.92 -20.71
N ILE A 244 2.80 6.52 -19.56
CA ILE A 244 2.25 5.36 -18.88
C ILE A 244 0.97 5.82 -18.21
N VAL A 245 1.04 7.02 -17.66
CA VAL A 245 -0.10 7.64 -17.02
C VAL A 245 -1.26 7.63 -18.00
N LYS A 246 -0.99 8.07 -19.23
CA LYS A 246 -2.02 8.11 -20.26
C LYS A 246 -2.57 6.77 -20.62
N GLU A 247 -1.70 5.79 -20.55
CA GLU A 247 -2.17 4.49 -20.88
C GLU A 247 -3.16 3.95 -19.84
N TYR A 248 -2.88 4.28 -18.58
CA TYR A 248 -3.71 3.85 -17.48
C TYR A 248 -4.98 4.66 -17.48
N ALA A 249 -4.84 5.92 -17.90
CA ALA A 249 -5.98 6.78 -17.97
C ALA A 249 -6.90 6.20 -19.02
N ASN A 250 -6.33 5.52 -19.97
CA ASN A 250 -7.17 4.94 -21.01
C ASN A 250 -7.70 3.52 -20.86
N ASP A 251 -7.01 2.71 -20.08
CA ASP A 251 -7.42 1.34 -19.92
C ASP A 251 -7.25 0.81 -18.51
N GLN A 252 -8.37 0.87 -17.80
CA GLN A 252 -8.45 0.44 -16.42
C GLN A 252 -8.00 -0.99 -16.20
N ASP A 253 -8.26 -1.80 -17.22
CA ASP A 253 -7.92 -3.20 -17.22
C ASP A 253 -6.39 -3.37 -17.18
N LYS A 254 -5.70 -2.63 -18.04
CA LYS A 254 -4.25 -2.65 -18.08
C LYS A 254 -3.71 -2.29 -16.71
N PHE A 255 -4.27 -1.20 -16.21
CA PHE A 255 -3.90 -0.68 -14.93
C PHE A 255 -4.02 -1.70 -13.81
N PHE A 256 -5.15 -2.36 -13.77
CA PHE A 256 -5.39 -3.36 -12.74
C PHE A 256 -4.34 -4.48 -12.83
N LYS A 257 -4.10 -5.00 -14.03
CA LYS A 257 -3.14 -6.06 -14.23
C LYS A 257 -1.77 -5.67 -13.76
N ASP A 258 -1.36 -4.52 -14.24
CA ASP A 258 -0.06 -4.04 -13.84
C ASP A 258 0.06 -3.78 -12.36
N PHE A 259 -1.00 -3.21 -11.76
CA PHE A 259 -1.01 -2.90 -10.34
C PHE A 259 -0.83 -4.17 -9.50
N SER A 260 -1.60 -5.15 -9.88
CA SER A 260 -1.61 -6.44 -9.24
C SER A 260 -0.20 -7.04 -9.18
N LYS A 261 0.43 -7.17 -10.34
CA LYS A 261 1.77 -7.73 -10.37
C LYS A 261 2.71 -6.91 -9.51
N ALA A 262 2.64 -5.59 -9.62
CA ALA A 262 3.57 -4.82 -8.83
C ALA A 262 3.41 -4.81 -7.34
N PHE A 263 2.17 -4.84 -6.91
CA PHE A 263 1.90 -4.82 -5.50
C PHE A 263 2.38 -6.12 -4.84
N GLU A 264 2.12 -7.22 -5.51
CA GLU A 264 2.56 -8.49 -4.99
C GLU A 264 4.06 -8.46 -4.93
N LYS A 265 4.67 -8.03 -6.03
CA LYS A 265 6.14 -7.96 -6.03
C LYS A 265 6.63 -7.11 -4.91
N LEU A 266 5.96 -6.00 -4.71
CA LEU A 266 6.35 -5.13 -3.62
C LEU A 266 6.25 -5.78 -2.24
N LEU A 267 5.19 -6.54 -2.00
CA LEU A 267 4.97 -7.19 -0.73
C LEU A 267 5.84 -8.44 -0.55
N GLU A 268 6.46 -8.90 -1.63
CA GLU A 268 7.29 -10.09 -1.58
C GLU A 268 8.76 -9.76 -1.71
N ASP A 269 9.09 -8.49 -1.80
CA ASP A 269 10.50 -8.18 -1.94
C ASP A 269 11.34 -8.57 -0.72
N GLY A 270 12.54 -9.12 -0.95
CA GLY A 270 13.40 -9.49 0.16
C GLY A 270 13.09 -10.90 0.66
N ILE A 271 12.08 -11.51 0.11
CA ILE A 271 11.81 -12.83 0.61
C ILE A 271 12.11 -13.95 -0.34
N THR A 272 12.68 -15.00 0.21
CA THR A 272 13.01 -16.15 -0.57
C THR A 272 12.01 -17.29 -0.40
N PHE A 273 11.36 -17.77 -1.46
CA PHE A 273 10.40 -18.85 -1.36
C PHE A 273 10.93 -20.19 -1.86
N PRO A 274 11.08 -21.13 -0.95
CA PRO A 274 11.58 -22.45 -1.27
C PRO A 274 10.71 -23.08 -2.32
N LYS A 275 11.32 -24.05 -3.01
CA LYS A 275 10.74 -24.86 -4.07
C LYS A 275 9.45 -25.53 -3.66
N ASP A 276 9.44 -26.02 -2.43
CA ASP A 276 8.31 -26.71 -1.89
C ASP A 276 7.21 -25.79 -1.32
N ALA A 277 7.39 -24.47 -1.41
CA ALA A 277 6.39 -23.52 -0.91
C ALA A 277 5.09 -23.63 -1.69
N PRO A 278 3.97 -23.41 -1.00
CA PRO A 278 2.74 -23.51 -1.74
C PRO A 278 2.65 -22.37 -2.73
N SER A 279 1.85 -22.56 -3.76
CA SER A 279 1.70 -21.47 -4.70
C SER A 279 0.97 -20.36 -3.96
N PRO A 280 0.94 -19.25 -4.62
CA PRO A 280 0.29 -18.11 -4.06
C PRO A 280 -1.21 -18.35 -4.03
N PHE A 281 -1.82 -17.82 -3.03
CA PHE A 281 -3.24 -18.00 -2.92
C PHE A 281 -3.98 -16.84 -3.51
N ILE A 282 -5.15 -17.07 -4.10
CA ILE A 282 -5.95 -15.98 -4.60
C ILE A 282 -7.20 -16.00 -3.72
N PHE A 283 -7.43 -15.07 -2.82
CA PHE A 283 -8.64 -15.18 -1.95
C PHE A 283 -9.96 -14.78 -2.56
N LYS A 284 -11.05 -15.40 -2.10
CA LYS A 284 -12.38 -15.03 -2.62
C LYS A 284 -12.84 -13.84 -1.83
N THR A 285 -13.59 -12.95 -2.46
CA THR A 285 -14.07 -11.79 -1.70
C THR A 285 -15.29 -12.22 -0.89
N LEU A 286 -15.80 -11.34 -0.03
CA LEU A 286 -16.98 -11.71 0.73
C LEU A 286 -18.09 -12.05 -0.24
N GLU A 287 -18.22 -11.16 -1.20
CA GLU A 287 -19.23 -11.33 -2.20
C GLU A 287 -19.13 -12.59 -2.95
N GLU A 288 -17.93 -13.05 -3.23
CA GLU A 288 -17.88 -14.28 -3.97
C GLU A 288 -18.28 -15.44 -3.10
N GLN A 289 -18.17 -15.25 -1.81
CA GLN A 289 -18.55 -16.32 -0.94
C GLN A 289 -20.00 -16.20 -0.48
N GLY A 290 -20.73 -15.18 -0.91
CA GLY A 290 -22.13 -15.02 -0.46
C GLY A 290 -22.19 -14.60 1.02
N LEU A 291 -21.14 -13.96 1.53
CA LEU A 291 -21.10 -13.54 2.93
C LEU A 291 -21.29 -12.05 3.17
FE DDH B . 0.99 7.37 -0.50
NA DDH B . 0.95 8.87 0.58
NB DDH B . 2.78 8.13 -1.10
NC DDH B . 1.23 5.75 -1.57
ND DDH B . -0.68 6.54 0.36
C1A DDH B . -0.13 9.12 1.43
CHA DDH B . -1.38 8.54 1.53
C4D DDH B . -1.63 7.29 1.00
C1B DDH B . 3.42 9.27 -0.75
CHB DDH B . 3.10 10.13 0.27
C4A DDH B . 1.79 9.98 0.70
C1C DDH B . 2.36 5.44 -2.32
CHC DDH B . 3.42 6.27 -2.59
C4B DDH B . 3.54 7.55 -2.11
C1D DDH B . -1.34 5.45 -0.17
CHD DDH B . -0.77 4.46 -0.93
C4C DDH B . 0.44 4.61 -1.61
C2A DDH B . 0.14 10.32 2.18
CAA DDH B . -0.95 10.97 3.07
C3A DDH B . 1.29 10.83 1.74
CMA DDH B . 1.88 12.22 2.09
CBA DDH B . -0.75 10.72 4.57
CGA DDH B . -1.75 11.35 5.52
O1A DDH B . -1.61 12.55 5.84
O2A DDH B . -2.61 10.60 6.05
C2B DDH B . 4.68 9.37 -1.47
CMB DDH B . 5.71 10.48 -1.22
C3B DDH B . 4.79 8.28 -2.21
CAB DDH B . 5.85 8.00 -3.30
OCB DDH B . 6.25 6.85 -3.46
CBB DDH B . 6.55 9.02 -3.80
C2C DDH B . 2.23 4.10 -2.88
CMC DDH B . 3.20 3.35 -3.82
C3C DDH B . 1.15 3.57 -2.34
CAC DDH B . 0.62 2.15 -2.52
OCC DDH B . 0.02 1.71 -1.56
CBC DDH B . 0.99 1.33 -3.51
C2D DDH B . -2.70 5.41 0.38
CMD DDH B . -3.75 4.37 -0.06
C3D DDH B . -2.87 6.54 1.07
CAD DDH B . -4.15 7.12 1.71
CBD DDH B . -4.18 6.83 3.21
CGD DDH B . -5.36 7.39 3.96
O1D DDH B . -5.18 7.32 5.21
O2D DDH B . -6.33 7.80 3.27
#